data_7HJD
#
_entry.id   7HJD
#
_cell.length_a   26.121
_cell.length_b   47.274
_cell.length_c   46.376
_cell.angle_alpha   90.000
_cell.angle_beta   103.160
_cell.angle_gamma   90.000
#
_symmetry.space_group_name_H-M   'P 1 21 1'
#
loop_
_entity.id
_entity.type
_entity.pdbx_description
1 polymer 'De novo designed ABLE protein'
2 non-polymer 1,3-benzodioxol-5-ol
3 water water
#
_entity_poly.entity_id   1
_entity_poly.type   'polypeptide(L)'
_entity_poly.pdbx_seq_one_letter_code
;SVKSEYAEAAAVGQEAVAVFNTMKAAFQNGDKEAVAQYLARLASLYTRHEELLNRILEKARREGNKEAVTLMNEFTATFQ
TGKSIFNAMVAAFKNGDDDSFESYLQALEKVTAKGETLADQIAKAL
;
_entity_poly.pdbx_strand_id   A
#
loop_
_chem_comp.id
_chem_comp.type
_chem_comp.name
_chem_comp.formula
BZX non-polymer 1,3-benzodioxol-5-ol 'C7 H6 O3'
#
# COMPACT_ATOMS: atom_id res chain seq x y z
N SER A 1 -9.01 15.67 -12.52
CA SER A 1 -8.39 16.49 -11.47
C SER A 1 -7.50 15.62 -10.63
N VAL A 2 -6.69 16.25 -9.78
CA VAL A 2 -5.87 15.46 -8.87
C VAL A 2 -6.76 14.68 -7.94
N LYS A 3 -7.94 15.22 -7.60
N LYS A 3 -7.95 15.20 -7.61
CA LYS A 3 -8.81 14.53 -6.67
CA LYS A 3 -8.83 14.49 -6.69
C LYS A 3 -9.39 13.26 -7.28
C LYS A 3 -9.37 13.22 -7.32
N SER A 4 -9.69 13.29 -8.57
N SER A 4 -9.71 13.25 -8.61
CA SER A 4 -10.13 12.07 -9.25
CA SER A 4 -10.14 12.03 -9.29
C SER A 4 -8.96 11.10 -9.45
C SER A 4 -8.96 11.09 -9.53
N GLU A 5 -7.77 11.63 -9.70
CA GLU A 5 -6.61 10.75 -9.77
C GLU A 5 -6.33 10.10 -8.40
N TYR A 6 -6.62 10.79 -7.30
CA TYR A 6 -6.43 10.14 -6.00
C TYR A 6 -7.50 9.07 -5.77
N ALA A 7 -8.72 9.28 -6.24
N ALA A 7 -8.73 9.28 -6.24
CA ALA A 7 -9.75 8.25 -6.12
CA ALA A 7 -9.75 8.23 -6.11
C ALA A 7 -9.38 7.00 -6.91
C ALA A 7 -9.37 6.99 -6.92
N GLU A 8 -8.76 7.19 -8.07
CA GLU A 8 -8.26 6.08 -8.87
C GLU A 8 -7.12 5.37 -8.13
N ALA A 9 -6.23 6.14 -7.52
CA ALA A 9 -5.16 5.56 -6.71
C ALA A 9 -5.74 4.83 -5.51
N ALA A 10 -6.80 5.37 -4.92
N ALA A 10 -6.80 5.37 -4.90
CA ALA A 10 -7.38 4.73 -3.74
CA ALA A 10 -7.36 4.70 -3.74
C ALA A 10 -8.01 3.39 -4.09
C ALA A 10 -7.95 3.35 -4.12
N ALA A 11 -8.56 3.26 -5.31
CA ALA A 11 -9.17 2.00 -5.71
C ALA A 11 -8.10 0.94 -5.95
N VAL A 12 -6.98 1.32 -6.58
N VAL A 12 -7.00 1.31 -6.59
CA VAL A 12 -5.89 0.38 -6.76
CA VAL A 12 -5.90 0.37 -6.76
C VAL A 12 -5.38 -0.11 -5.40
C VAL A 12 -5.39 -0.11 -5.41
N GLY A 13 -5.32 0.79 -4.42
CA GLY A 13 -4.97 0.37 -3.06
C GLY A 13 -5.94 -0.66 -2.51
N GLN A 14 -7.24 -0.41 -2.67
CA GLN A 14 -8.24 -1.38 -2.22
C GLN A 14 -8.13 -2.70 -2.94
N GLU A 15 -7.75 -2.68 -4.21
N GLU A 15 -7.72 -2.68 -4.20
CA GLU A 15 -7.55 -3.94 -4.93
CA GLU A 15 -7.56 -3.94 -4.92
C GLU A 15 -6.43 -4.75 -4.30
C GLU A 15 -6.42 -4.76 -4.32
N ALA A 16 -5.37 -4.09 -3.86
CA ALA A 16 -4.28 -4.77 -3.17
C ALA A 16 -4.74 -5.32 -1.84
N VAL A 17 -5.60 -4.58 -1.13
N VAL A 17 -5.61 -4.60 -1.13
CA VAL A 17 -6.15 -5.08 0.13
CA VAL A 17 -6.11 -5.14 0.13
C VAL A 17 -6.94 -6.36 -0.12
C VAL A 17 -6.92 -6.40 -0.14
N ALA A 18 -7.75 -6.36 -1.19
CA ALA A 18 -8.54 -7.55 -1.50
C ALA A 18 -7.66 -8.75 -1.86
N VAL A 19 -6.69 -8.54 -2.73
CA VAL A 19 -5.80 -9.63 -3.13
C VAL A 19 -4.96 -10.11 -1.95
N PHE A 20 -4.56 -9.17 -1.08
N PHE A 20 -4.48 -9.17 -1.13
CA PHE A 20 -3.75 -9.53 0.09
CA PHE A 20 -3.71 -9.53 0.05
C PHE A 20 -4.51 -10.48 1.02
C PHE A 20 -4.51 -10.46 0.97
N ASN A 21 -5.75 -10.11 1.39
N ASN A 21 -5.79 -10.17 1.17
CA ASN A 21 -6.53 -10.97 2.27
CA ASN A 21 -6.57 -11.03 2.06
C ASN A 21 -6.75 -12.34 1.64
C ASN A 21 -6.82 -12.41 1.47
N THR A 22 -6.97 -12.39 0.34
N THR A 22 -6.99 -12.52 0.14
CA THR A 22 -7.07 -13.66 -0.37
CA THR A 22 -7.10 -13.87 -0.42
C THR A 22 -5.78 -14.45 -0.23
C THR A 22 -5.74 -14.56 -0.42
N MET A 23 -4.64 -13.79 -0.48
CA MET A 23 -3.35 -14.43 -0.36
C MET A 23 -3.11 -14.94 1.06
N LYS A 24 -3.53 -14.18 2.07
N LYS A 24 -3.53 -14.18 2.07
CA LYS A 24 -3.36 -14.61 3.45
CA LYS A 24 -3.36 -14.62 3.46
C LYS A 24 -4.10 -15.92 3.71
C LYS A 24 -4.10 -15.92 3.71
N ALA A 25 -5.33 -16.02 3.20
CA ALA A 25 -6.08 -17.27 3.35
C ALA A 25 -5.37 -18.43 2.67
N ALA A 26 -4.85 -18.21 1.47
CA ALA A 26 -4.13 -19.24 0.74
C ALA A 26 -2.86 -19.69 1.49
N PHE A 27 -2.10 -18.74 2.03
CA PHE A 27 -0.94 -19.06 2.83
C PHE A 27 -1.33 -19.96 3.99
N GLN A 28 -2.39 -19.58 4.72
CA GLN A 28 -2.77 -20.36 5.88
C GLN A 28 -3.16 -21.77 5.46
N ASN A 29 -3.80 -21.91 4.29
CA ASN A 29 -4.21 -23.23 3.81
C ASN A 29 -3.10 -24.03 3.17
N GLY A 30 -1.92 -23.44 2.97
CA GLY A 30 -0.79 -24.14 2.41
C GLY A 30 -0.79 -24.22 0.90
N ASP A 31 -1.61 -23.42 0.21
CA ASP A 31 -1.72 -23.46 -1.23
C ASP A 31 -0.63 -22.52 -1.76
N LYS A 32 0.59 -23.04 -1.85
N LYS A 32 0.60 -23.04 -1.84
CA LYS A 32 1.73 -22.22 -2.20
CA LYS A 32 1.72 -22.19 -2.20
C LYS A 32 1.68 -21.79 -3.66
C LYS A 32 1.66 -21.76 -3.66
N GLU A 33 1.04 -22.57 -4.53
N GLU A 33 1.07 -22.57 -4.53
CA GLU A 33 0.92 -22.16 -5.93
CA GLU A 33 0.92 -22.16 -5.93
C GLU A 33 0.04 -20.93 -6.07
C GLU A 33 0.05 -20.91 -6.06
N ALA A 34 -1.01 -20.82 -5.25
CA ALA A 34 -1.83 -19.63 -5.26
C ALA A 34 -1.07 -18.46 -4.67
N VAL A 35 -0.40 -18.71 -3.55
CA VAL A 35 0.36 -17.62 -2.92
C VAL A 35 1.33 -17.01 -3.90
N ALA A 36 2.07 -17.85 -4.65
CA ALA A 36 3.03 -17.30 -5.60
C ALA A 36 2.35 -16.37 -6.60
N GLN A 37 1.22 -16.78 -7.14
CA GLN A 37 0.53 -15.94 -8.10
C GLN A 37 0.00 -14.67 -7.45
N TYR A 38 -0.59 -14.77 -6.26
CA TYR A 38 -1.08 -13.56 -5.59
C TYR A 38 0.06 -12.61 -5.27
N LEU A 39 1.24 -13.14 -4.87
CA LEU A 39 2.37 -12.25 -4.61
C LEU A 39 2.82 -11.50 -5.85
N ALA A 40 2.82 -12.17 -7.01
CA ALA A 40 3.13 -11.47 -8.25
C ALA A 40 2.09 -10.39 -8.54
N ARG A 41 0.81 -10.70 -8.31
N ARG A 41 0.82 -10.69 -8.29
CA ARG A 41 -0.25 -9.74 -8.58
CA ARG A 41 -0.24 -9.72 -8.58
C ARG A 41 -0.13 -8.53 -7.67
C ARG A 41 -0.13 -8.51 -7.66
N LEU A 42 0.27 -8.74 -6.41
N LEU A 42 0.13 -8.76 -6.38
CA LEU A 42 0.47 -7.63 -5.48
CA LEU A 42 0.36 -7.68 -5.42
C LEU A 42 1.67 -6.78 -5.89
C LEU A 42 1.57 -6.83 -5.79
N ALA A 43 2.73 -7.42 -6.39
N ALA A 43 2.62 -7.45 -6.32
CA ALA A 43 3.90 -6.64 -6.80
CA ALA A 43 3.78 -6.65 -6.73
C ALA A 43 3.55 -5.68 -7.92
C ALA A 43 3.35 -5.63 -7.77
N SER A 44 2.69 -6.09 -8.85
N SER A 44 2.63 -6.08 -8.78
CA SER A 44 2.27 -5.20 -9.92
CA SER A 44 2.15 -5.19 -9.82
C SER A 44 1.32 -4.13 -9.39
C SER A 44 1.27 -4.09 -9.25
N LEU A 45 0.46 -4.49 -8.44
N LEU A 45 0.33 -4.46 -8.38
CA LEU A 45 -0.46 -3.51 -7.88
CA LEU A 45 -0.57 -3.49 -7.79
C LEU A 45 0.28 -2.46 -7.05
C LEU A 45 0.19 -2.44 -6.97
N TYR A 46 1.18 -2.90 -6.18
N TYR A 46 1.13 -2.88 -6.14
CA TYR A 46 1.95 -1.95 -5.38
CA TYR A 46 1.92 -1.92 -5.39
C TYR A 46 2.82 -1.05 -6.26
C TYR A 46 2.76 -1.03 -6.30
N THR A 47 3.37 -1.60 -7.34
CA THR A 47 4.12 -0.76 -8.28
C THR A 47 3.21 0.30 -8.89
N ARG A 48 2.00 -0.09 -9.31
N ARG A 48 2.00 -0.08 -9.28
CA ARG A 48 1.08 0.84 -9.93
CA ARG A 48 1.08 0.87 -9.90
C ARG A 48 0.61 1.90 -8.94
C ARG A 48 0.65 1.91 -8.89
N HIS A 49 0.33 1.49 -7.70
N HIS A 49 0.27 1.48 -7.68
CA HIS A 49 -0.13 2.43 -6.69
CA HIS A 49 -0.13 2.43 -6.64
C HIS A 49 0.96 3.47 -6.39
C HIS A 49 0.96 3.47 -6.39
N GLU A 50 2.20 3.01 -6.23
CA GLU A 50 3.31 3.91 -5.96
C GLU A 50 3.46 4.94 -7.08
N GLU A 51 3.26 4.53 -8.33
N GLU A 51 3.26 4.53 -8.33
CA GLU A 51 3.43 5.47 -9.45
CA GLU A 51 3.41 5.45 -9.45
C GLU A 51 2.33 6.53 -9.44
C GLU A 51 2.33 6.53 -9.41
N LEU A 52 1.08 6.13 -9.20
CA LEU A 52 -0.01 7.08 -9.07
C LEU A 52 0.22 8.03 -7.91
N LEU A 53 0.74 7.52 -6.80
CA LEU A 53 0.96 8.38 -5.64
C LEU A 53 2.04 9.41 -5.93
N ASN A 54 3.09 9.03 -6.66
CA ASN A 54 4.14 10.00 -6.94
C ASN A 54 3.63 11.07 -7.86
N ARG A 55 2.83 10.69 -8.86
N ARG A 55 2.83 10.69 -8.85
CA ARG A 55 2.24 11.68 -9.76
CA ARG A 55 2.23 11.68 -9.75
C ARG A 55 1.34 12.66 -8.99
C ARG A 55 1.34 12.65 -8.99
N ILE A 56 0.60 12.15 -8.01
CA ILE A 56 -0.29 13.00 -7.23
C ILE A 56 0.52 13.94 -6.34
N LEU A 57 1.60 13.45 -5.73
CA LEU A 57 2.45 14.32 -4.92
C LEU A 57 3.10 15.39 -5.79
N GLU A 58 3.67 14.99 -6.92
CA GLU A 58 4.30 15.97 -7.82
C GLU A 58 3.31 17.03 -8.28
N LYS A 59 2.06 16.65 -8.53
CA LYS A 59 1.04 17.61 -8.97
C LYS A 59 0.68 18.56 -7.83
N ALA A 60 0.39 18.00 -6.67
CA ALA A 60 0.22 18.81 -5.46
C ALA A 60 1.33 19.85 -5.30
N ARG A 61 2.59 19.45 -5.52
N ARG A 61 2.59 19.45 -5.53
CA ARG A 61 3.71 20.38 -5.39
CA ARG A 61 3.72 20.37 -5.40
C ARG A 61 3.62 21.48 -6.43
C ARG A 61 3.63 21.47 -6.43
N ARG A 62 3.30 21.12 -7.67
CA ARG A 62 3.21 22.12 -8.74
C ARG A 62 2.06 23.10 -8.51
N GLU A 63 1.00 22.63 -7.84
N GLU A 63 1.01 22.62 -7.85
CA GLU A 63 -0.15 23.45 -7.49
CA GLU A 63 -0.16 23.41 -7.47
C GLU A 63 0.08 24.27 -6.22
C GLU A 63 0.07 24.23 -6.21
N GLY A 64 1.22 24.09 -5.57
CA GLY A 64 1.48 24.79 -4.32
C GLY A 64 0.53 24.47 -3.18
N ASN A 65 -0.01 23.25 -3.16
CA ASN A 65 -0.99 22.82 -2.15
C ASN A 65 -0.17 22.29 -0.97
N LYS A 66 0.30 23.23 -0.14
N LYS A 66 0.28 23.23 -0.14
CA LYS A 66 1.28 22.87 0.89
CA LYS A 66 1.25 22.88 0.91
C LYS A 66 0.75 21.79 1.82
C LYS A 66 0.68 21.79 1.83
N GLU A 67 -0.51 21.89 2.23
N GLU A 67 -0.57 21.92 2.25
CA GLU A 67 -1.04 20.90 3.16
CA GLU A 67 -1.09 20.89 3.16
C GLU A 67 -1.11 19.53 2.51
C GLU A 67 -1.09 19.54 2.50
N ALA A 68 -1.53 19.46 1.24
CA ALA A 68 -1.56 18.17 0.56
C ALA A 68 -0.16 17.60 0.41
N VAL A 69 0.83 18.44 0.12
CA VAL A 69 2.21 17.98 -0.01
C VAL A 69 2.72 17.41 1.31
N THR A 70 2.44 18.09 2.44
CA THR A 70 2.86 17.58 3.76
C THR A 70 2.29 16.19 4.00
N LEU A 71 0.98 16.04 3.77
CA LEU A 71 0.31 14.78 4.04
C LEU A 71 0.82 13.70 3.09
N MET A 72 1.02 14.05 1.82
CA MET A 72 1.49 13.08 0.84
C MET A 72 2.94 12.66 1.11
N ASN A 73 3.80 13.59 1.56
CA ASN A 73 5.15 13.21 1.98
C ASN A 73 5.12 12.23 3.14
N GLU A 74 4.25 12.46 4.12
N GLU A 74 4.29 12.48 4.15
CA GLU A 74 4.12 11.50 5.22
CA GLU A 74 4.16 11.52 5.24
C GLU A 74 3.54 10.18 4.75
C GLU A 74 3.63 10.20 4.71
N PHE A 75 2.63 10.22 3.77
N PHE A 75 2.60 10.23 3.86
CA PHE A 75 1.97 8.99 3.33
CA PHE A 75 1.98 8.99 3.42
C PHE A 75 2.88 8.16 2.42
C PHE A 75 2.92 8.18 2.54
N THR A 76 3.65 8.81 1.55
N THR A 76 3.64 8.85 1.63
CA THR A 76 4.56 8.06 0.68
CA THR A 76 4.57 8.11 0.79
C THR A 76 5.71 7.45 1.48
C THR A 76 5.71 7.49 1.60
N ALA A 77 6.13 8.11 2.56
N ALA A 77 6.13 8.13 2.69
CA ALA A 77 7.13 7.50 3.43
CA ALA A 77 7.12 7.51 3.56
C ALA A 77 6.60 6.22 4.06
C ALA A 77 6.58 6.21 4.15
N THR A 78 5.36 6.25 4.55
N THR A 78 5.35 6.26 4.66
CA THR A 78 4.75 5.06 5.13
CA THR A 78 4.71 5.06 5.21
C THR A 78 4.52 3.99 4.07
C THR A 78 4.57 3.98 4.15
N PHE A 79 4.26 4.39 2.82
N PHE A 79 4.20 4.39 2.92
CA PHE A 79 4.14 3.42 1.74
CA PHE A 79 4.09 3.44 1.82
C PHE A 79 5.44 2.64 1.57
C PHE A 79 5.41 2.71 1.58
N GLN A 80 6.58 3.32 1.64
N GLN A 80 6.54 3.40 1.74
CA GLN A 80 7.87 2.64 1.49
CA GLN A 80 7.83 2.76 1.52
C GLN A 80 8.11 1.67 2.64
C GLN A 80 8.15 1.73 2.60
N THR A 81 7.59 1.98 3.84
N THR A 81 7.70 1.98 3.83
CA THR A 81 7.69 1.05 4.96
CA THR A 81 7.79 0.98 4.89
C THR A 81 6.93 -0.23 4.64
C THR A 81 7.03 -0.25 4.49
N GLY A 82 5.73 -0.11 4.10
N GLY A 82 5.82 -0.06 3.99
CA GLY A 82 4.97 -1.28 3.72
CA GLY A 82 5.03 -1.21 3.55
C GLY A 82 5.56 -2.00 2.53
C GLY A 82 5.76 -1.96 2.45
N LYS A 83 6.22 -1.27 1.63
N LYS A 83 6.25 -1.24 1.45
CA LYS A 83 6.87 -1.90 0.48
CA LYS A 83 6.96 -1.87 0.35
C LYS A 83 8.08 -2.72 0.91
C LYS A 83 8.14 -2.70 0.84
N SER A 84 8.93 -2.15 1.77
CA SER A 84 10.07 -2.90 2.30
C SER A 84 9.62 -4.16 3.01
N ILE A 85 8.56 -4.08 3.81
CA ILE A 85 8.05 -5.28 4.47
C ILE A 85 7.52 -6.26 3.43
N PHE A 86 6.84 -5.76 2.40
CA PHE A 86 6.33 -6.65 1.37
C PHE A 86 7.45 -7.42 0.71
N ASN A 87 8.52 -6.72 0.34
CA ASN A 87 9.63 -7.37 -0.33
C ASN A 87 10.30 -8.39 0.60
N ALA A 88 10.34 -8.13 1.90
CA ALA A 88 10.86 -9.13 2.82
C ALA A 88 9.95 -10.35 2.90
N MET A 89 8.64 -10.13 2.84
CA MET A 89 7.69 -11.24 2.79
C MET A 89 7.93 -12.11 1.57
N VAL A 90 8.07 -11.48 0.39
CA VAL A 90 8.34 -12.20 -0.85
C VAL A 90 9.60 -13.02 -0.72
N ALA A 91 10.64 -12.46 -0.09
CA ALA A 91 11.88 -13.19 0.12
C ALA A 91 11.70 -14.35 1.08
N ALA A 92 10.89 -14.15 2.12
CA ALA A 92 10.60 -15.24 3.04
C ALA A 92 9.86 -16.35 2.31
N PHE A 93 9.00 -16.01 1.38
CA PHE A 93 8.32 -17.05 0.62
C PHE A 93 9.28 -17.85 -0.26
N LYS A 94 10.17 -17.15 -0.95
N LYS A 94 10.15 -17.14 -0.96
CA LYS A 94 11.17 -17.81 -1.78
CA LYS A 94 11.19 -17.77 -1.77
C LYS A 94 12.05 -18.74 -0.95
C LYS A 94 12.04 -18.72 -0.95
N ASN A 95 12.37 -18.32 0.29
CA ASN A 95 13.25 -19.09 1.16
C ASN A 95 12.53 -20.21 1.91
N GLY A 96 11.22 -20.30 1.80
CA GLY A 96 10.45 -21.27 2.58
C GLY A 96 10.44 -20.99 4.08
N ASP A 97 10.60 -19.74 4.48
CA ASP A 97 10.64 -19.37 5.89
C ASP A 97 9.25 -18.90 6.31
N ASP A 98 8.40 -19.84 6.71
CA ASP A 98 7.03 -19.49 7.02
C ASP A 98 6.93 -18.63 8.27
N ASP A 99 7.86 -18.78 9.24
CA ASP A 99 7.78 -17.96 10.43
C ASP A 99 8.01 -16.49 10.09
N SER A 100 8.99 -16.22 9.26
CA SER A 100 9.20 -14.87 8.80
C SER A 100 8.02 -14.39 7.96
N PHE A 101 7.47 -15.24 7.11
CA PHE A 101 6.34 -14.80 6.29
C PHE A 101 5.20 -14.34 7.18
N GLU A 102 4.88 -15.12 8.21
N GLU A 102 4.84 -15.15 8.17
CA GLU A 102 3.82 -14.75 9.15
CA GLU A 102 3.76 -14.81 9.11
C GLU A 102 4.10 -13.40 9.81
C GLU A 102 4.01 -13.47 9.74
N SER A 103 5.35 -13.17 10.23
N SER A 103 5.23 -13.25 10.25
CA SER A 103 5.71 -11.93 10.92
CA SER A 103 5.63 -11.99 10.85
C SER A 103 5.57 -10.73 9.98
C SER A 103 5.38 -10.83 9.90
N TYR A 104 6.07 -10.85 8.76
CA TYR A 104 5.96 -9.79 7.77
C TYR A 104 4.51 -9.55 7.35
N LEU A 105 3.69 -10.60 7.34
N LEU A 105 3.71 -10.62 7.25
CA LEU A 105 2.28 -10.44 6.98
CA LEU A 105 2.33 -10.46 6.84
C LEU A 105 1.55 -9.60 8.01
C LEU A 105 1.58 -9.60 7.85
N GLN A 106 1.77 -9.88 9.30
N GLN A 106 1.75 -9.91 9.13
CA GLN A 106 1.09 -9.13 10.35
CA GLN A 106 1.11 -9.15 10.20
C GLN A 106 1.61 -7.70 10.42
C GLN A 106 1.58 -7.71 10.20
N ALA A 107 2.91 -7.50 10.21
N ALA A 107 2.90 -7.50 10.04
CA ALA A 107 3.46 -6.15 10.23
CA ALA A 107 3.43 -6.14 10.05
C ALA A 107 2.91 -5.31 9.10
C ALA A 107 2.87 -5.31 8.92
N LEU A 108 2.73 -5.91 7.92
N LEU A 108 2.79 -5.90 7.71
CA LEU A 108 2.15 -5.19 6.79
CA LEU A 108 2.24 -5.16 6.57
C LEU A 108 0.69 -4.84 7.05
C LEU A 108 0.78 -4.80 6.81
N GLU A 109 -0.02 -5.67 7.81
N GLU A 109 0.03 -5.67 7.48
CA GLU A 109 -1.41 -5.35 8.16
CA GLU A 109 -1.35 -5.34 7.84
C GLU A 109 -1.48 -4.19 9.15
C GLU A 109 -1.40 -4.15 8.77
N LYS A 110 -0.54 -4.12 10.09
N LYS A 110 -0.48 -4.06 9.73
CA LYS A 110 -0.56 -3.05 11.08
CA LYS A 110 -0.49 -2.96 10.68
C LYS A 110 -0.07 -1.74 10.48
C LYS A 110 -0.08 -1.66 10.02
N VAL A 111 0.91 -1.80 9.58
N VAL A 111 0.90 -1.72 9.10
CA VAL A 111 1.36 -0.59 8.89
CA VAL A 111 1.34 -0.51 8.38
C VAL A 111 0.26 -0.06 7.99
C VAL A 111 0.23 0.01 7.49
N THR A 112 -0.49 -0.95 7.35
N THR A 112 -0.50 -0.88 6.82
CA THR A 112 -1.58 -0.52 6.47
CA THR A 112 -1.56 -0.46 5.92
C THR A 112 -2.74 0.07 7.26
C THR A 112 -2.72 0.15 6.68
N ALA A 113 -3.10 -0.57 8.37
N ALA A 113 -3.09 -0.46 7.82
CA ALA A 113 -4.21 -0.06 9.18
CA ALA A 113 -4.21 0.09 8.59
C ALA A 113 -3.87 1.28 9.80
C ALA A 113 -3.87 1.46 9.16
N LYS A 114 -2.62 1.46 10.24
N LYS A 114 -2.64 1.61 9.69
CA LYS A 114 -2.22 2.72 10.86
CA LYS A 114 -2.27 2.87 10.30
C LYS A 114 -2.34 3.87 9.87
C LYS A 114 -2.26 4.01 9.30
N GLY A 115 -2.00 3.64 8.62
N GLY A 115 -1.88 3.72 8.05
CA GLY A 115 -1.95 4.72 7.64
CA GLY A 115 -1.88 4.74 7.03
C GLY A 115 -3.25 4.92 6.89
C GLY A 115 -3.24 5.20 6.54
N GLU A 116 -4.38 4.66 7.53
N GLU A 116 -4.33 4.61 7.05
CA GLU A 116 -5.68 4.88 6.88
CA GLU A 116 -5.64 4.87 6.46
C GLU A 116 -6.34 6.20 7.26
C GLU A 116 -6.25 6.18 6.93
N THR A 117 -6.13 6.69 8.48
N THR A 117 -6.04 6.58 8.19
CA THR A 117 -6.62 8.02 8.81
CA THR A 117 -6.50 7.90 8.59
C THR A 117 -5.95 9.07 7.92
C THR A 117 -5.82 8.98 7.76
N LEU A 118 -4.66 8.90 7.66
N LEU A 118 -4.51 8.86 7.56
CA LEU A 118 -3.95 9.81 6.78
CA LEU A 118 -3.79 9.76 6.67
C LEU A 118 -4.45 9.70 5.34
C LEU A 118 -4.34 9.68 5.25
N ALA A 119 -4.82 8.49 4.91
N ALA A 119 -4.54 8.45 4.75
CA ALA A 119 -5.32 8.31 3.55
CA ALA A 119 -5.06 8.27 3.39
C ALA A 119 -6.61 9.08 3.33
C ALA A 119 -6.40 8.98 3.22
N ASP A 120 -7.50 9.08 4.32
N ASP A 120 -7.28 8.86 4.21
CA ASP A 120 -8.72 9.87 4.21
CA ASP A 120 -8.54 9.59 4.17
C ASP A 120 -8.44 11.36 4.31
C ASP A 120 -8.31 11.08 4.27
N GLN A 121 -7.41 11.75 5.07
N GLN A 121 -7.30 11.51 5.04
CA GLN A 121 -7.05 13.18 5.16
CA GLN A 121 -7.01 12.94 5.17
C GLN A 121 -6.58 13.70 3.80
C GLN A 121 -6.53 13.54 3.86
N ILE A 122 -5.81 12.90 3.07
N ILE A 122 -5.78 12.78 3.06
CA ILE A 122 -5.31 13.34 1.77
CA ILE A 122 -5.31 13.29 1.79
C ILE A 122 -6.46 13.53 0.80
C ILE A 122 -6.48 13.55 0.85
N ALA A 123 -7.42 12.60 0.80
CA ALA A 123 -8.58 12.75 -0.07
C ALA A 123 -9.24 14.11 0.13
N LYS A 124 -9.33 14.57 1.38
N LYS A 124 -9.32 14.56 1.38
CA LYS A 124 -10.02 15.82 1.66
CA LYS A 124 -10.01 15.81 1.69
C LYS A 124 -9.16 17.03 1.35
C LYS A 124 -9.16 17.03 1.37
N ALA A 125 -7.84 16.89 1.36
CA ALA A 125 -6.96 18.04 1.21
C ALA A 125 -6.64 18.39 -0.24
N LEU A 126 -6.79 17.46 -1.18
N LEU A 126 -6.84 17.48 -1.18
CA LEU A 126 -6.38 17.70 -2.55
CA LEU A 126 -6.45 17.74 -2.56
C LEU A 126 -7.33 18.65 -3.26
C LEU A 126 -7.43 18.65 -3.27
C1 BZX B . -0.34 0.82 1.02
C2 BZX B . 0.86 0.12 0.94
C3 BZX B . 1.85 0.14 1.95
C4 BZX B . 1.64 0.93 3.10
C5 BZX B . 0.46 1.62 3.18
C6 BZX B . -0.50 1.57 2.15
O7 BZX B . -1.57 2.35 2.50
C8 BZX B . -1.39 2.69 3.83
O9 BZX B . -0.01 2.44 4.15
O10 BZX B . 1.04 -0.61 -0.16
H1 BZX B . -1.10 0.79 0.24
H3 BZX B . 2.77 -0.43 1.84
H4 BZX B . 2.39 0.95 3.90
H8 BZX B . -1.65 3.75 3.99
H8A BZX B . -2.00 2.05 4.48
HO10 BZX B . 1.95 -0.56 -0.46
#